data_5FYY
#
_entry.id   5FYY
#
_cell.length_a   141.790
_cell.length_b   141.790
_cell.length_c   152.300
_cell.angle_alpha   90.00
_cell.angle_beta   90.00
_cell.angle_gamma   120.00
#
_symmetry.space_group_name_H-M   'P 65 2 2'
#
loop_
_entity.id
_entity.type
_entity.pdbx_description
1 polymer 'LYSINE-SPECIFIC DEMETHYLASE 5B'
2 non-polymer 'ZINC ION'
3 non-polymer 'CHLORIDE ION'
4 non-polymer 'MANGANESE (II) ION'
5 non-polymer 3-(pyridin-3-yl)aniline
6 non-polymer 1,2-ETHANEDIOL
7 non-polymer 'DIMETHYL SULFOXIDE'
8 non-polymer 'PHOSPHATE ION'
9 water water
#
_entity_poly.entity_id   1
_entity_poly.type   'polypeptide(L)'
_entity_poly.pdbx_seq_one_letter_code
;SMFLPPPECPVFEPSWEEFADPFAFIHKIRPIAEQTGICKVRPPPDWQPPFACDVDKLHFTPRIQRLNELEAQTRVKLGG
GGAKDYTLRTFGEMADAFKSDYFNMPVHMVPTELVEKEFWRLVSTIEEDVTVEYGADIASKEFGSGFPVRDGKIKLSPEE
EEYLDSGWNLNNMPVMEQSVLAHITADICGMKLPWLYVGMCFSSFCWHIEDHWSYSINYLHWGEPKTWYGVPGYAAEQLE
NVMKKLAPELFVSQPDLLHQLVTIMNPNTLMTHEVPVYRTNQCAGEFVITFPRAYHSGFNQGFNFAEAVNFCTVDWLPLG
RQCVEHYRLLHRYCVFSHDEMICKMASKADVLDVVVASTVQKDMAIMIEDEKALRETVRKLGVIDSERMDFELLPDDERQ
CVKCKTTCFMSAISCSCKPGLLVCLHHVKELCSCPPYKYKLRYRYTLDDLYPMMNALKLRAESYNEWALNVNEALEAKI
;
_entity_poly.pdbx_strand_id   A
#
# COMPACT_ATOMS: atom_id res chain seq x y z
N SER A 1 -9.51 14.79 -28.05
CA SER A 1 -10.86 15.31 -28.16
C SER A 1 -11.66 14.71 -27.02
N MET A 2 -12.14 13.49 -27.23
N MET A 2 -12.10 13.47 -27.24
CA MET A 2 -12.87 12.77 -26.18
CA MET A 2 -12.85 12.73 -26.24
C MET A 2 -11.89 12.40 -25.06
C MET A 2 -11.94 12.33 -25.07
N PHE A 3 -10.87 11.60 -25.36
CA PHE A 3 -9.86 11.28 -24.33
C PHE A 3 -8.45 11.62 -24.76
N LEU A 4 -7.77 12.44 -23.97
CA LEU A 4 -6.37 12.75 -24.26
C LEU A 4 -5.47 11.97 -23.29
N PRO A 5 -4.65 11.06 -23.81
CA PRO A 5 -3.80 10.23 -22.95
C PRO A 5 -2.76 11.06 -22.23
N PRO A 6 -2.66 10.93 -20.89
CA PRO A 6 -1.62 11.61 -20.14
C PRO A 6 -0.22 11.30 -20.69
N PRO A 7 0.76 12.18 -20.42
CA PRO A 7 2.12 11.83 -20.86
C PRO A 7 2.61 10.55 -20.20
N GLU A 8 3.52 9.85 -20.89
CA GLU A 8 4.10 8.62 -20.39
C GLU A 8 4.95 8.82 -19.13
N CYS A 9 4.84 7.91 -18.18
CA CYS A 9 5.71 7.93 -17.00
C CYS A 9 7.11 7.44 -17.41
N PRO A 10 8.14 7.70 -16.58
CA PRO A 10 9.50 7.22 -16.89
C PRO A 10 9.58 5.71 -16.98
N VAL A 11 10.47 5.21 -17.84
CA VAL A 11 10.69 3.79 -18.02
C VAL A 11 12.16 3.55 -17.81
N PHE A 12 12.50 2.56 -17.00
CA PHE A 12 13.90 2.30 -16.70
C PHE A 12 14.28 0.93 -17.23
N GLU A 13 15.45 0.88 -17.86
CA GLU A 13 16.02 -0.36 -18.35
C GLU A 13 17.37 -0.59 -17.67
N PRO A 14 17.33 -1.01 -16.40
CA PRO A 14 18.58 -1.19 -15.65
C PRO A 14 19.43 -2.33 -16.20
N SER A 15 20.75 -2.16 -16.16
CA SER A 15 21.69 -3.24 -16.45
C SER A 15 21.56 -4.28 -15.36
N TRP A 16 22.17 -5.45 -15.55
CA TRP A 16 22.07 -6.46 -14.52
C TRP A 16 22.71 -5.93 -13.23
N GLU A 17 23.82 -5.20 -13.36
CA GLU A 17 24.49 -4.67 -12.16
C GLU A 17 23.61 -3.68 -11.41
N GLU A 18 23.02 -2.73 -12.12
CA GLU A 18 22.07 -1.77 -11.56
C GLU A 18 20.84 -2.44 -10.95
N PHE A 19 20.46 -3.58 -11.51
CA PHE A 19 19.17 -4.21 -11.21
C PHE A 19 19.26 -5.17 -10.03
N ALA A 20 20.43 -5.77 -9.85
CA ALA A 20 20.61 -6.82 -8.84
C ALA A 20 20.03 -6.45 -7.47
N ASP A 21 20.37 -5.27 -6.98
CA ASP A 21 19.85 -4.78 -5.70
C ASP A 21 18.63 -3.86 -5.90
N PRO A 22 17.43 -4.37 -5.60
CA PRO A 22 16.24 -3.54 -5.86
C PRO A 22 16.23 -2.25 -5.03
N PHE A 23 16.70 -2.31 -3.79
CA PHE A 23 16.69 -1.12 -2.95
C PHE A 23 17.65 -0.05 -3.44
N ALA A 24 18.84 -0.44 -3.86
CA ALA A 24 19.80 0.52 -4.39
C ALA A 24 19.26 1.15 -5.69
N PHE A 25 18.59 0.34 -6.50
CA PHE A 25 18.06 0.82 -7.77
C PHE A 25 16.90 1.81 -7.58
N ILE A 26 15.98 1.49 -6.68
CA ILE A 26 14.85 2.36 -6.39
C ILE A 26 15.34 3.71 -5.85
N HIS A 27 16.34 3.65 -4.98
CA HIS A 27 16.93 4.86 -4.41
C HIS A 27 17.56 5.72 -5.50
N LYS A 28 18.22 5.09 -6.46
CA LYS A 28 18.82 5.77 -7.59
C LYS A 28 17.79 6.48 -8.49
N ILE A 29 16.68 5.82 -8.81
CA ILE A 29 15.69 6.40 -9.70
C ILE A 29 14.75 7.38 -8.99
N ARG A 30 14.76 7.37 -7.66
CA ARG A 30 13.81 8.16 -6.89
C ARG A 30 13.68 9.66 -7.25
N PRO A 31 14.81 10.36 -7.50
CA PRO A 31 14.65 11.78 -7.86
C PRO A 31 13.79 11.99 -9.10
N ILE A 32 13.92 11.09 -10.08
CA ILE A 32 13.10 11.13 -11.28
C ILE A 32 11.69 10.65 -10.98
N ALA A 33 11.59 9.43 -10.44
CA ALA A 33 10.30 8.76 -10.35
C ALA A 33 9.33 9.41 -9.34
N GLU A 34 9.85 10.05 -8.29
CA GLU A 34 8.93 10.63 -7.31
C GLU A 34 8.24 11.86 -7.88
N GLN A 35 8.76 12.40 -8.98
CA GLN A 35 8.12 13.53 -9.65
C GLN A 35 6.93 13.06 -10.49
N THR A 36 6.84 11.75 -10.74
CA THR A 36 5.77 11.25 -11.58
C THR A 36 4.85 10.28 -10.85
N GLY A 37 5.23 9.89 -9.63
CA GLY A 37 4.40 9.03 -8.81
C GLY A 37 4.55 7.54 -9.13
N ILE A 38 4.48 7.18 -10.41
CA ILE A 38 4.74 5.82 -10.82
C ILE A 38 5.89 5.78 -11.80
N CYS A 39 6.51 4.61 -11.93
CA CYS A 39 7.47 4.41 -13.01
C CYS A 39 7.45 2.94 -13.40
N LYS A 40 7.98 2.66 -14.58
CA LYS A 40 8.00 1.30 -15.07
C LYS A 40 9.45 0.81 -15.13
N VAL A 41 9.67 -0.46 -14.84
CA VAL A 41 11.00 -1.03 -14.84
C VAL A 41 11.03 -2.28 -15.71
N ARG A 42 11.84 -2.25 -16.78
CA ARG A 42 12.05 -3.43 -17.62
C ARG A 42 13.29 -4.15 -17.13
N PRO A 43 13.12 -5.37 -16.59
CA PRO A 43 14.30 -6.10 -16.13
C PRO A 43 15.25 -6.42 -17.28
N PRO A 44 16.54 -6.63 -16.98
CA PRO A 44 17.53 -7.10 -17.94
C PRO A 44 16.99 -8.35 -18.63
N PRO A 45 17.31 -8.55 -19.91
CA PRO A 45 16.75 -9.62 -20.75
C PRO A 45 16.99 -11.00 -20.16
N ASP A 46 18.09 -11.16 -19.44
N ASP A 46 18.08 -11.14 -19.42
CA ASP A 46 18.40 -12.42 -18.79
CA ASP A 46 18.43 -12.40 -18.77
C ASP A 46 17.36 -12.76 -17.71
C ASP A 46 17.43 -12.77 -17.66
N TRP A 47 17.01 -11.79 -16.86
CA TRP A 47 16.08 -12.01 -15.76
C TRP A 47 14.67 -12.45 -16.24
N GLN A 48 14.38 -13.73 -16.06
CA GLN A 48 13.17 -14.34 -16.60
C GLN A 48 12.68 -15.44 -15.71
N PRO A 49 11.87 -15.09 -14.71
CA PRO A 49 11.35 -16.07 -13.75
C PRO A 49 10.44 -17.06 -14.43
N PRO A 50 10.48 -18.31 -13.99
CA PRO A 50 9.66 -19.33 -14.62
C PRO A 50 8.22 -19.18 -14.18
N PHE A 51 7.29 -19.10 -15.13
N PHE A 51 7.28 -19.20 -15.13
CA PHE A 51 5.92 -19.22 -14.72
CA PHE A 51 5.85 -19.13 -14.82
C PHE A 51 5.33 -20.52 -15.22
C PHE A 51 5.13 -20.43 -15.23
N ALA A 52 4.85 -21.30 -14.27
CA ALA A 52 4.21 -22.57 -14.56
C ALA A 52 3.04 -22.77 -13.63
N CYS A 53 1.86 -22.96 -14.21
CA CYS A 53 0.70 -23.31 -13.41
C CYS A 53 -0.24 -24.21 -14.20
N ASP A 54 -0.99 -25.03 -13.48
CA ASP A 54 -2.11 -25.77 -14.05
C ASP A 54 -3.36 -24.92 -13.91
N VAL A 55 -3.88 -24.41 -15.03
CA VAL A 55 -5.01 -23.49 -14.99
C VAL A 55 -6.28 -24.15 -14.48
N ASP A 56 -6.29 -25.48 -14.42
CA ASP A 56 -7.48 -26.22 -14.00
C ASP A 56 -7.54 -26.44 -12.48
N LYS A 57 -6.44 -26.18 -11.78
CA LYS A 57 -6.42 -26.48 -10.35
C LYS A 57 -6.39 -25.21 -9.51
N LEU A 58 -6.01 -24.10 -10.13
CA LEU A 58 -6.06 -22.82 -9.46
C LEU A 58 -7.50 -22.31 -9.44
N HIS A 59 -8.10 -22.20 -8.26
CA HIS A 59 -9.48 -21.75 -8.04
CA HIS A 59 -9.42 -21.61 -8.23
C HIS A 59 -9.46 -20.41 -7.28
N PHE A 60 -10.40 -19.52 -7.56
CA PHE A 60 -10.56 -18.31 -6.75
C PHE A 60 -11.98 -17.77 -6.81
N THR A 61 -12.36 -17.02 -5.78
CA THR A 61 -13.69 -16.44 -5.75
C THR A 61 -13.64 -15.06 -6.43
N PRO A 62 -14.42 -14.88 -7.50
CA PRO A 62 -14.37 -13.60 -8.21
C PRO A 62 -15.06 -12.47 -7.47
N ARG A 63 -14.60 -11.25 -7.67
CA ARG A 63 -15.29 -10.07 -7.19
C ARG A 63 -15.98 -9.40 -8.38
N ILE A 64 -17.18 -8.88 -8.16
CA ILE A 64 -17.99 -8.30 -9.23
C ILE A 64 -17.84 -6.78 -9.20
N GLN A 65 -17.80 -6.17 -10.37
CA GLN A 65 -17.49 -4.74 -10.44
C GLN A 65 -18.32 -4.03 -11.48
N ARG A 66 -19.05 -2.99 -11.04
CA ARG A 66 -19.71 -2.06 -11.94
C ARG A 66 -18.73 -0.98 -12.36
N LEU A 67 -18.88 -0.44 -13.56
CA LEU A 67 -17.92 0.52 -14.07
C LEU A 67 -18.58 1.88 -14.38
N ASN A 68 -18.83 2.66 -13.35
CA ASN A 68 -19.37 4.01 -13.52
C ASN A 68 -18.48 5.05 -12.83
N GLU A 69 -18.08 6.06 -13.58
CA GLU A 69 -17.23 7.11 -13.03
C GLU A 69 -17.88 7.79 -11.81
N LEU A 70 -17.06 8.10 -10.81
CA LEU A 70 -17.47 8.83 -9.61
C LEU A 70 -18.37 8.01 -8.70
N GLU A 71 -18.70 6.79 -9.11
CA GLU A 71 -19.51 5.91 -8.27
C GLU A 71 -18.62 5.31 -7.19
N ALA A 72 -19.15 5.19 -5.97
CA ALA A 72 -18.39 4.66 -4.84
C ALA A 72 -18.20 3.15 -4.93
N GLN A 73 -16.98 2.72 -4.68
CA GLN A 73 -16.67 1.29 -4.55
C GLN A 73 -15.91 1.11 -3.23
N THR A 74 -16.00 -0.08 -2.65
CA THR A 74 -15.30 -0.34 -1.40
C THR A 74 -13.99 -1.05 -1.68
N ARG A 75 -12.97 -0.71 -0.91
CA ARG A 75 -11.66 -1.39 -0.97
C ARG A 75 -11.81 -2.89 -0.71
N VAL A 76 -11.11 -3.71 -1.49
CA VAL A 76 -11.34 -5.17 -1.45
C VAL A 76 -11.11 -5.81 -0.08
N LYS A 77 -11.83 -6.90 0.16
CA LYS A 77 -11.70 -7.71 1.38
C LYS A 77 -10.28 -8.26 1.55
N LYS A 84 -19.67 -18.48 -5.37
CA LYS A 84 -19.27 -18.28 -6.76
C LYS A 84 -17.78 -18.63 -6.91
N ASP A 85 -17.40 -19.32 -7.99
CA ASP A 85 -16.03 -19.79 -8.11
C ASP A 85 -15.59 -20.12 -9.56
N TYR A 86 -14.40 -19.65 -9.91
CA TYR A 86 -13.79 -19.92 -11.21
C TYR A 86 -12.50 -20.71 -11.05
N THR A 87 -12.17 -21.56 -12.02
CA THR A 87 -10.78 -21.96 -12.14
C THR A 87 -10.12 -20.88 -12.99
N LEU A 88 -8.80 -20.83 -12.96
CA LEU A 88 -8.08 -19.90 -13.82
C LEU A 88 -8.46 -20.15 -15.28
N ARG A 89 -8.70 -21.40 -15.65
CA ARG A 89 -9.16 -21.67 -17.01
C ARG A 89 -10.55 -21.10 -17.33
N THR A 90 -11.56 -21.39 -16.51
CA THR A 90 -12.91 -20.90 -16.81
C THR A 90 -12.97 -19.37 -16.73
N PHE A 91 -12.18 -18.77 -15.83
CA PHE A 91 -12.12 -17.32 -15.79
C PHE A 91 -11.52 -16.77 -17.09
N GLY A 92 -10.42 -17.40 -17.52
CA GLY A 92 -9.77 -17.03 -18.78
C GLY A 92 -10.71 -17.15 -19.97
N GLU A 93 -11.54 -18.19 -19.98
CA GLU A 93 -12.47 -18.43 -21.08
C GLU A 93 -13.58 -17.40 -21.04
N MET A 94 -14.08 -17.08 -19.85
CA MET A 94 -15.09 -16.06 -19.68
C MET A 94 -14.51 -14.72 -20.12
N ALA A 95 -13.28 -14.46 -19.69
CA ALA A 95 -12.65 -13.16 -19.91
C ALA A 95 -12.36 -12.89 -21.39
N ASP A 96 -11.85 -13.91 -22.09
CA ASP A 96 -11.53 -13.79 -23.51
C ASP A 96 -12.78 -13.64 -24.37
N ALA A 97 -13.79 -14.47 -24.08
CA ALA A 97 -15.09 -14.37 -24.72
C ALA A 97 -15.67 -12.96 -24.58
N PHE A 98 -15.62 -12.41 -23.37
CA PHE A 98 -16.16 -11.09 -23.11
C PHE A 98 -15.50 -10.02 -23.98
N LYS A 99 -14.17 -10.01 -24.00
CA LYS A 99 -13.45 -9.02 -24.78
C LYS A 99 -13.73 -9.20 -26.26
N SER A 100 -13.69 -10.45 -26.70
CA SER A 100 -13.87 -10.79 -28.10
C SER A 100 -15.27 -10.37 -28.61
N ASP A 101 -16.30 -10.66 -27.81
CA ASP A 101 -17.68 -10.28 -28.12
C ASP A 101 -17.94 -8.79 -28.03
N TYR A 102 -17.30 -8.14 -27.07
CA TYR A 102 -17.43 -6.70 -26.86
C TYR A 102 -16.96 -5.92 -28.08
N PHE A 103 -15.88 -6.38 -28.70
CA PHE A 103 -15.27 -5.62 -29.80
C PHE A 103 -15.49 -6.27 -31.17
N ASN A 104 -16.07 -7.47 -31.17
CA ASN A 104 -16.16 -8.32 -32.35
C ASN A 104 -14.79 -8.46 -33.06
N MET A 105 -13.75 -8.68 -32.27
CA MET A 105 -12.39 -8.84 -32.77
C MET A 105 -11.65 -9.92 -31.98
N PRO A 106 -10.58 -10.49 -32.55
CA PRO A 106 -9.70 -11.31 -31.72
C PRO A 106 -9.02 -10.44 -30.64
N VAL A 107 -8.82 -10.95 -29.42
CA VAL A 107 -8.41 -10.09 -28.29
C VAL A 107 -7.10 -9.30 -28.50
N HIS A 108 -6.18 -9.82 -29.30
CA HIS A 108 -4.92 -9.11 -29.43
C HIS A 108 -4.94 -8.10 -30.54
N MET A 109 -5.93 -8.18 -31.40
CA MET A 109 -5.96 -7.21 -32.47
C MET A 109 -6.63 -5.95 -32.00
N VAL A 110 -7.21 -5.98 -30.80
CA VAL A 110 -7.72 -4.74 -30.22
C VAL A 110 -6.57 -3.89 -29.71
N PRO A 111 -6.33 -2.73 -30.34
CA PRO A 111 -5.27 -1.82 -29.89
C PRO A 111 -5.49 -1.33 -28.46
N THR A 112 -4.40 -1.16 -27.72
CA THR A 112 -4.49 -0.71 -26.33
C THR A 112 -5.07 0.69 -26.28
N GLU A 113 -4.71 1.54 -27.25
N GLU A 113 -4.69 1.52 -27.26
CA GLU A 113 -5.21 2.91 -27.30
CA GLU A 113 -5.19 2.89 -27.44
C GLU A 113 -6.74 2.94 -27.45
C GLU A 113 -6.72 2.90 -27.44
N LEU A 114 -7.30 1.91 -28.09
CA LEU A 114 -8.73 1.84 -28.27
C LEU A 114 -9.43 1.38 -27.01
N VAL A 115 -8.87 0.36 -26.35
CA VAL A 115 -9.44 -0.11 -25.09
C VAL A 115 -9.46 1.03 -24.07
N GLU A 116 -8.36 1.76 -24.00
CA GLU A 116 -8.28 2.93 -23.12
C GLU A 116 -9.40 3.92 -23.44
N LYS A 117 -9.48 4.30 -24.71
CA LYS A 117 -10.51 5.24 -25.21
C LYS A 117 -11.90 4.72 -24.85
N GLU A 118 -12.14 3.43 -25.11
CA GLU A 118 -13.42 2.83 -24.84
C GLU A 118 -13.68 2.72 -23.34
N PHE A 119 -12.63 2.50 -22.55
CA PHE A 119 -12.85 2.43 -21.10
C PHE A 119 -13.42 3.75 -20.58
N TRP A 120 -12.82 4.86 -20.99
CA TRP A 120 -13.28 6.14 -20.46
C TRP A 120 -14.62 6.58 -21.05
N ARG A 121 -14.96 6.09 -22.24
CA ARG A 121 -16.30 6.34 -22.75
C ARG A 121 -17.31 5.61 -21.87
N LEU A 122 -17.13 4.30 -21.72
CA LEU A 122 -18.18 3.49 -21.10
C LEU A 122 -18.40 3.81 -19.62
N VAL A 123 -17.37 4.26 -18.91
CA VAL A 123 -17.54 4.58 -17.49
C VAL A 123 -18.27 5.93 -17.29
N SER A 124 -18.25 6.77 -18.31
CA SER A 124 -18.91 8.09 -18.19
C SER A 124 -20.39 8.02 -18.60
N THR A 125 -20.70 7.10 -19.51
CA THR A 125 -22.07 6.94 -20.02
C THR A 125 -22.98 6.19 -19.07
N ILE A 126 -23.97 6.88 -18.52
CA ILE A 126 -24.85 6.30 -17.52
C ILE A 126 -25.68 5.14 -18.07
N GLU A 127 -25.95 5.16 -19.37
CA GLU A 127 -26.80 4.15 -19.99
C GLU A 127 -26.11 2.80 -20.14
N GLU A 128 -24.80 2.81 -20.35
CA GLU A 128 -24.01 1.57 -20.36
C GLU A 128 -23.95 0.98 -18.96
N ASP A 129 -24.42 -0.26 -18.79
CA ASP A 129 -24.22 -0.95 -17.51
C ASP A 129 -23.31 -2.18 -17.66
N VAL A 130 -22.04 -1.93 -17.94
CA VAL A 130 -21.03 -2.96 -18.03
C VAL A 130 -20.58 -3.39 -16.63
N THR A 131 -20.66 -4.68 -16.34
CA THR A 131 -20.07 -5.19 -15.11
C THR A 131 -19.05 -6.22 -15.50
N VAL A 132 -17.97 -6.27 -14.73
CA VAL A 132 -16.89 -7.22 -14.99
C VAL A 132 -16.51 -7.91 -13.69
N GLU A 133 -15.61 -8.90 -13.80
CA GLU A 133 -15.19 -9.66 -12.64
C GLU A 133 -13.67 -9.72 -12.56
N TYR A 134 -13.13 -9.97 -11.38
CA TYR A 134 -11.67 -10.04 -11.23
C TYR A 134 -11.31 -10.83 -9.98
N GLY A 135 -10.03 -11.18 -9.87
CA GLY A 135 -9.52 -11.84 -8.68
C GLY A 135 -8.62 -10.92 -7.88
N ALA A 136 -8.78 -10.91 -6.56
CA ALA A 136 -7.85 -10.21 -5.68
C ALA A 136 -7.79 -10.90 -4.31
N ASP A 137 -6.59 -11.35 -3.93
N ASP A 137 -6.59 -11.37 -3.93
CA ASP A 137 -6.36 -11.92 -2.60
CA ASP A 137 -6.37 -12.08 -2.66
C ASP A 137 -4.89 -12.21 -2.38
C ASP A 137 -4.88 -12.23 -2.39
N ILE A 138 -4.52 -12.48 -1.14
CA ILE A 138 -3.14 -12.85 -0.83
C ILE A 138 -2.97 -14.31 -1.22
N ALA A 139 -1.74 -14.83 -1.25
CA ALA A 139 -1.52 -16.24 -1.60
C ALA A 139 -2.20 -17.18 -0.61
N SER A 140 -2.66 -18.31 -1.12
CA SER A 140 -3.31 -19.35 -0.33
C SER A 140 -2.94 -20.70 -0.93
N LYS A 141 -3.30 -21.78 -0.25
CA LYS A 141 -3.02 -23.11 -0.77
C LYS A 141 -3.90 -23.40 -1.98
N GLU A 142 -4.94 -22.60 -2.18
CA GLU A 142 -5.83 -22.77 -3.33
C GLU A 142 -5.28 -22.04 -4.55
N PHE A 143 -4.48 -21.00 -4.30
CA PHE A 143 -3.96 -20.12 -5.34
C PHE A 143 -2.69 -19.41 -4.82
N GLY A 144 -1.51 -19.88 -5.24
CA GLY A 144 -0.27 -19.40 -4.64
C GLY A 144 0.43 -18.31 -5.44
N SER A 145 1.55 -17.83 -4.91
CA SER A 145 2.37 -16.84 -5.58
C SER A 145 2.77 -17.30 -6.99
N GLY A 146 2.91 -16.33 -7.89
CA GLY A 146 3.42 -16.63 -9.21
C GLY A 146 4.94 -16.76 -9.23
N PHE A 147 5.60 -16.34 -8.14
CA PHE A 147 7.04 -16.53 -7.98
C PHE A 147 7.33 -17.83 -7.21
N PRO A 148 8.53 -18.42 -7.43
CA PRO A 148 8.92 -19.63 -6.71
C PRO A 148 9.01 -19.39 -5.20
N VAL A 149 8.40 -20.26 -4.41
CA VAL A 149 8.57 -20.26 -2.96
C VAL A 149 9.01 -21.65 -2.54
N ARG A 150 9.55 -21.80 -1.33
CA ARG A 150 10.05 -23.09 -0.90
C ARG A 150 8.93 -24.02 -0.41
N ASP A 151 9.09 -25.30 -0.73
CA ASP A 151 8.18 -26.37 -0.30
C ASP A 151 8.80 -27.73 -0.64
N ILE A 154 7.24 -30.58 -2.65
CA ILE A 154 7.42 -30.39 -4.09
C ILE A 154 8.85 -29.98 -4.45
N LYS A 155 9.47 -30.76 -5.33
CA LYS A 155 10.82 -30.49 -5.78
C LYS A 155 10.82 -29.41 -6.85
N LEU A 156 11.67 -28.41 -6.67
CA LEU A 156 11.76 -27.29 -7.59
C LEU A 156 12.73 -27.62 -8.72
N SER A 157 12.50 -27.03 -9.90
CA SER A 157 13.45 -27.11 -11.01
C SER A 157 14.66 -26.19 -10.73
N PRO A 158 15.79 -26.41 -11.43
CA PRO A 158 16.93 -25.50 -11.24
C PRO A 158 16.57 -24.04 -11.59
N GLU A 159 15.77 -23.81 -12.63
CA GLU A 159 15.35 -22.45 -13.01
C GLU A 159 14.61 -21.77 -11.86
N GLU A 160 13.63 -22.48 -11.28
CA GLU A 160 12.90 -22.01 -10.11
C GLU A 160 13.79 -21.66 -8.92
N GLU A 161 14.80 -22.49 -8.67
CA GLU A 161 15.67 -22.29 -7.51
C GLU A 161 16.50 -21.02 -7.66
N GLU A 162 16.86 -20.70 -8.90
CA GLU A 162 17.58 -19.46 -9.20
C GLU A 162 16.83 -18.19 -8.79
N TYR A 163 15.51 -18.27 -8.69
CA TYR A 163 14.72 -17.07 -8.43
C TYR A 163 14.15 -17.06 -7.02
N LEU A 164 14.46 -18.10 -6.25
CA LEU A 164 13.95 -18.20 -4.88
C LEU A 164 14.38 -17.01 -4.01
N ASP A 165 15.59 -16.54 -4.23
CA ASP A 165 16.21 -15.57 -3.35
C ASP A 165 16.41 -14.24 -4.06
N SER A 166 15.79 -14.09 -5.22
CA SER A 166 15.89 -12.85 -5.94
C SER A 166 15.29 -11.71 -5.14
N GLY A 167 15.92 -10.54 -5.21
CA GLY A 167 15.39 -9.37 -4.56
C GLY A 167 14.13 -8.86 -5.23
N TRP A 168 13.83 -9.36 -6.43
CA TRP A 168 12.62 -8.97 -7.15
C TRP A 168 11.57 -10.06 -7.13
N ASN A 169 11.87 -11.17 -6.44
CA ASN A 169 10.85 -12.13 -6.11
C ASN A 169 10.01 -11.51 -5.01
N LEU A 170 8.78 -11.09 -5.32
CA LEU A 170 8.06 -10.20 -4.40
C LEU A 170 7.77 -10.83 -3.03
N ASN A 171 7.87 -12.15 -2.92
CA ASN A 171 7.77 -12.81 -1.61
C ASN A 171 8.88 -12.42 -0.65
N ASN A 172 10.04 -12.12 -1.20
CA ASN A 172 11.22 -11.81 -0.40
C ASN A 172 11.24 -10.40 0.15
N MET A 173 10.90 -9.45 -0.72
CA MET A 173 11.20 -8.04 -0.47
C MET A 173 10.67 -7.48 0.84
N PRO A 174 9.51 -7.97 1.33
CA PRO A 174 9.17 -7.60 2.72
C PRO A 174 10.27 -7.93 3.73
N VAL A 175 10.74 -9.18 3.72
CA VAL A 175 11.66 -9.66 4.75
C VAL A 175 13.12 -9.39 4.45
N MET A 176 13.41 -8.55 3.46
CA MET A 176 14.80 -8.16 3.21
C MET A 176 15.23 -7.06 4.19
N GLU A 177 16.53 -6.83 4.30
CA GLU A 177 17.03 -5.99 5.39
C GLU A 177 16.80 -4.49 5.17
N GLN A 178 17.08 -3.99 3.97
CA GLN A 178 16.87 -2.58 3.67
C GLN A 178 15.37 -2.21 3.72
N SER A 179 14.52 -3.22 3.85
CA SER A 179 13.11 -2.99 4.15
C SER A 179 12.88 -2.81 5.63
N VAL A 180 11.98 -1.89 5.96
CA VAL A 180 11.80 -1.45 7.33
C VAL A 180 10.61 -2.18 7.94
N LEU A 181 9.60 -2.44 7.10
CA LEU A 181 8.41 -3.21 7.44
C LEU A 181 8.76 -4.65 7.80
N ALA A 182 10.03 -4.99 7.63
CA ALA A 182 10.53 -6.35 7.75
C ALA A 182 10.21 -6.96 9.11
N HIS A 183 10.80 -6.40 10.15
CA HIS A 183 10.77 -7.06 11.44
C HIS A 183 9.67 -6.47 12.32
N ILE A 184 8.70 -5.79 11.70
CA ILE A 184 7.39 -5.63 12.34
C ILE A 184 6.95 -7.03 12.78
N THR A 185 6.62 -7.17 14.06
CA THR A 185 6.23 -8.47 14.59
C THR A 185 4.72 -8.62 14.50
N ALA A 186 3.99 -7.55 14.80
CA ALA A 186 2.55 -7.50 14.63
C ALA A 186 2.17 -7.90 13.21
N ASP A 187 1.64 -9.10 13.04
CA ASP A 187 1.43 -9.57 11.68
C ASP A 187 0.20 -8.92 11.05
N ILE A 188 0.51 -8.21 9.97
CA ILE A 188 -0.40 -7.35 9.28
C ILE A 188 -0.53 -7.87 7.84
N CYS A 189 -1.07 -9.09 7.75
CA CYS A 189 -1.09 -9.88 6.52
C CYS A 189 -1.35 -9.08 5.25
N GLY A 190 -2.36 -8.21 5.29
CA GLY A 190 -2.72 -7.39 4.15
C GLY A 190 -1.63 -6.49 3.59
N MET A 191 -0.47 -6.44 4.26
CA MET A 191 0.55 -5.45 3.92
C MET A 191 2.00 -5.93 3.95
N LYS A 192 2.26 -7.16 4.37
CA LYS A 192 3.62 -7.67 4.26
C LYS A 192 3.63 -8.79 3.22
N LEU A 193 2.43 -9.22 2.85
CA LEU A 193 2.27 -10.35 1.95
C LEU A 193 1.84 -9.86 0.59
N PRO A 194 2.38 -10.47 -0.47
CA PRO A 194 1.97 -10.11 -1.83
C PRO A 194 0.49 -10.40 -2.08
N TRP A 195 -0.14 -9.56 -2.89
CA TRP A 195 -1.49 -9.84 -3.38
C TRP A 195 -1.44 -10.38 -4.80
N LEU A 196 -2.39 -11.25 -5.13
CA LEU A 196 -2.52 -11.79 -6.47
C LEU A 196 -3.72 -11.20 -7.20
N TYR A 197 -3.51 -10.73 -8.43
CA TYR A 197 -4.59 -10.07 -9.16
C TYR A 197 -4.83 -10.72 -10.52
N VAL A 198 -6.01 -11.33 -10.68
CA VAL A 198 -6.41 -11.88 -11.96
C VAL A 198 -7.33 -10.87 -12.67
N GLY A 199 -6.87 -10.29 -13.78
CA GLY A 199 -7.64 -9.27 -14.47
C GLY A 199 -8.35 -9.76 -15.73
N MET A 200 -9.31 -8.96 -16.19
CA MET A 200 -9.98 -9.15 -17.48
C MET A 200 -10.21 -7.77 -18.06
N CYS A 201 -10.57 -7.70 -19.34
CA CYS A 201 -10.77 -6.42 -20.02
C CYS A 201 -11.67 -5.50 -19.19
N PHE A 202 -11.17 -4.29 -18.93
CA PHE A 202 -11.87 -3.22 -18.18
C PHE A 202 -11.91 -3.40 -16.63
N SER A 203 -11.55 -4.56 -16.09
CA SER A 203 -11.54 -4.68 -14.63
C SER A 203 -10.54 -3.64 -14.13
N SER A 204 -10.89 -2.92 -13.08
CA SER A 204 -10.09 -1.74 -12.78
C SER A 204 -9.85 -1.53 -11.31
N PHE A 205 -8.79 -0.79 -11.02
CA PHE A 205 -8.51 -0.44 -9.66
C PHE A 205 -8.71 1.06 -9.51
N CYS A 206 -9.56 1.44 -8.54
CA CYS A 206 -9.88 2.85 -8.34
C CYS A 206 -8.71 3.64 -7.80
N TRP A 207 -8.82 4.96 -7.90
CA TRP A 207 -7.82 5.86 -7.34
C TRP A 207 -7.59 5.62 -5.85
N HIS A 208 -6.33 5.43 -5.48
CA HIS A 208 -5.95 5.28 -4.08
C HIS A 208 -4.47 5.52 -3.89
N ILE A 209 -4.08 5.69 -2.64
CA ILE A 209 -2.69 5.58 -2.22
C ILE A 209 -2.56 4.37 -1.29
N GLU A 210 -1.35 3.90 -1.07
CA GLU A 210 -1.16 2.74 -0.20
C GLU A 210 -1.28 3.09 1.28
N ASP A 211 -1.73 2.12 2.07
CA ASP A 211 -1.72 2.25 3.53
C ASP A 211 -0.38 2.77 4.03
N HIS A 212 -0.42 3.74 4.95
CA HIS A 212 0.77 4.36 5.54
C HIS A 212 1.69 5.01 4.52
N TRP A 213 1.14 5.35 3.35
CA TRP A 213 1.91 6.01 2.28
C TRP A 213 3.13 5.19 1.87
N SER A 214 2.99 3.88 1.94
CA SER A 214 4.12 3.02 1.54
C SER A 214 4.26 3.00 0.03
N TYR A 215 5.43 2.52 -0.40
CA TYR A 215 5.65 2.10 -1.76
C TYR A 215 4.81 0.86 -2.08
N SER A 216 4.61 0.63 -3.38
CA SER A 216 4.19 -0.71 -3.84
C SER A 216 5.01 -1.06 -5.08
N ILE A 217 5.15 -2.34 -5.33
CA ILE A 217 5.84 -2.82 -6.52
C ILE A 217 4.91 -3.87 -7.09
N ASN A 218 4.75 -3.83 -8.41
N ASN A 218 4.61 -3.75 -8.39
CA ASN A 218 3.71 -4.56 -9.10
CA ASN A 218 3.64 -4.61 -9.10
C ASN A 218 4.32 -5.31 -10.28
C ASN A 218 4.36 -5.33 -10.22
N TYR A 219 4.13 -6.62 -10.35
CA TYR A 219 4.71 -7.41 -11.42
C TYR A 219 3.60 -8.05 -12.24
N LEU A 220 3.65 -7.86 -13.54
CA LEU A 220 2.74 -8.56 -14.44
C LEU A 220 3.38 -9.88 -14.88
N HIS A 221 2.90 -11.00 -14.35
CA HIS A 221 3.48 -12.29 -14.68
C HIS A 221 3.26 -12.69 -16.14
N TRP A 222 2.00 -12.54 -16.58
CA TRP A 222 1.62 -12.82 -17.96
C TRP A 222 0.26 -12.26 -18.34
N GLY A 223 0.00 -12.24 -19.64
CA GLY A 223 -1.28 -11.84 -20.18
C GLY A 223 -1.21 -10.50 -20.84
N GLU A 224 -2.38 -9.94 -21.09
CA GLU A 224 -2.47 -8.66 -21.76
C GLU A 224 -2.11 -7.53 -20.78
N PRO A 225 -1.74 -6.36 -21.31
CA PRO A 225 -1.21 -5.30 -20.44
C PRO A 225 -2.18 -4.79 -19.37
N LYS A 226 -1.60 -4.09 -18.38
CA LYS A 226 -2.31 -3.38 -17.36
C LYS A 226 -2.04 -1.90 -17.63
N THR A 227 -3.09 -1.10 -17.72
CA THR A 227 -2.94 0.33 -17.98
C THR A 227 -3.00 1.11 -16.66
N TRP A 228 -2.02 2.00 -16.46
CA TRP A 228 -1.84 2.73 -15.22
C TRP A 228 -1.96 4.21 -15.41
N TYR A 229 -2.53 4.88 -14.41
CA TYR A 229 -2.41 6.31 -14.26
C TYR A 229 -1.80 6.58 -12.91
N GLY A 230 -0.91 7.57 -12.86
CA GLY A 230 -0.20 7.88 -11.63
C GLY A 230 -0.06 9.37 -11.43
N VAL A 231 -0.06 9.76 -10.16
CA VAL A 231 0.08 11.16 -9.74
C VAL A 231 1.21 11.28 -8.69
N PRO A 232 2.13 12.23 -8.86
CA PRO A 232 3.23 12.34 -7.88
C PRO A 232 2.74 12.65 -6.47
N GLY A 233 3.49 12.18 -5.47
CA GLY A 233 3.14 12.40 -4.08
C GLY A 233 2.87 13.85 -3.72
N TYR A 234 3.59 14.78 -4.34
CA TYR A 234 3.44 16.20 -4.00
C TYR A 234 2.07 16.78 -4.38
N ALA A 235 1.28 16.03 -5.14
CA ALA A 235 0.01 16.55 -5.64
C ALA A 235 -1.15 15.77 -5.06
N ALA A 236 -0.87 14.97 -4.04
CA ALA A 236 -1.92 14.18 -3.39
C ALA A 236 -3.10 15.03 -2.92
N GLU A 237 -2.81 16.17 -2.29
CA GLU A 237 -3.89 16.99 -1.73
C GLU A 237 -4.68 17.70 -2.82
N GLN A 238 -3.98 18.22 -3.83
CA GLN A 238 -4.66 18.75 -5.00
C GLN A 238 -5.66 17.73 -5.50
N LEU A 239 -5.23 16.48 -5.63
CA LEU A 239 -6.10 15.47 -6.21
C LEU A 239 -7.31 15.26 -5.33
N GLU A 240 -7.06 15.19 -4.04
CA GLU A 240 -8.11 14.93 -3.06
C GLU A 240 -9.15 16.06 -3.07
N ASN A 241 -8.67 17.30 -3.18
CA ASN A 241 -9.59 18.43 -3.27
C ASN A 241 -10.48 18.33 -4.50
N VAL A 242 -9.90 17.95 -5.64
CA VAL A 242 -10.68 17.75 -6.85
C VAL A 242 -11.75 16.68 -6.65
N MET A 243 -11.40 15.60 -5.96
CA MET A 243 -12.32 14.51 -5.70
C MET A 243 -13.44 14.91 -4.71
N LYS A 244 -13.07 15.65 -3.66
CA LYS A 244 -14.05 16.18 -2.71
C LYS A 244 -15.14 16.95 -3.42
N LYS A 245 -14.72 17.85 -4.30
CA LYS A 245 -15.65 18.69 -5.06
C LYS A 245 -16.59 17.87 -5.94
N LEU A 246 -16.05 16.90 -6.68
CA LEU A 246 -16.83 16.18 -7.68
C LEU A 246 -17.51 14.93 -7.13
N ALA A 247 -17.07 14.46 -5.96
CA ALA A 247 -17.64 13.25 -5.37
C ALA A 247 -17.52 13.23 -3.86
N PRO A 248 -18.27 14.11 -3.17
CA PRO A 248 -18.20 14.29 -1.71
C PRO A 248 -18.59 13.04 -0.90
N GLU A 249 -19.43 12.19 -1.49
CA GLU A 249 -19.90 10.96 -0.86
C GLU A 249 -18.76 10.06 -0.41
N LEU A 250 -17.63 10.15 -1.11
CA LEU A 250 -16.46 9.33 -0.81
C LEU A 250 -15.75 9.75 0.46
N PHE A 251 -16.10 10.93 0.98
CA PHE A 251 -15.36 11.52 2.07
C PHE A 251 -16.12 11.52 3.39
N VAL A 252 -17.26 10.82 3.42
CA VAL A 252 -18.00 10.63 4.67
C VAL A 252 -17.21 9.69 5.59
N SER A 253 -17.25 9.94 6.90
CA SER A 253 -16.52 9.14 7.89
C SER A 253 -16.94 7.68 7.82
N GLN A 254 -15.97 6.77 7.83
CA GLN A 254 -16.28 5.35 7.70
C GLN A 254 -15.96 4.59 9.00
N PRO A 255 -16.83 3.62 9.34
CA PRO A 255 -16.77 2.90 10.62
C PRO A 255 -15.45 2.17 10.87
N ASP A 256 -14.79 1.69 9.82
CA ASP A 256 -13.52 0.97 9.96
C ASP A 256 -12.69 0.98 8.67
N LEU A 257 -11.59 0.22 8.70
CA LEU A 257 -10.66 0.11 7.57
C LEU A 257 -11.29 -0.61 6.38
N LEU A 258 -12.18 -1.54 6.66
CA LEU A 258 -12.84 -2.34 5.63
C LEU A 258 -14.04 -1.62 5.02
N HIS A 259 -14.02 -0.29 5.07
CA HIS A 259 -15.12 0.50 4.54
C HIS A 259 -14.62 1.72 3.77
N GLN A 260 -13.33 1.76 3.45
CA GLN A 260 -12.77 2.85 2.66
C GLN A 260 -13.46 2.92 1.29
N LEU A 261 -13.90 4.12 0.91
CA LEU A 261 -14.57 4.32 -0.38
C LEU A 261 -13.58 4.86 -1.41
N VAL A 262 -13.65 4.31 -2.62
CA VAL A 262 -12.73 4.73 -3.68
C VAL A 262 -13.53 4.85 -4.97
N THR A 263 -12.95 5.47 -6.00
CA THR A 263 -13.70 5.63 -7.23
C THR A 263 -12.87 5.72 -8.50
N ILE A 264 -13.53 5.44 -9.62
CA ILE A 264 -13.00 5.66 -10.94
C ILE A 264 -13.14 7.14 -11.32
N MET A 265 -12.08 7.75 -11.84
CA MET A 265 -12.17 9.13 -12.31
C MET A 265 -11.19 9.38 -13.45
N ASN A 266 -11.72 9.94 -14.53
CA ASN A 266 -10.97 10.29 -15.72
C ASN A 266 -9.76 11.15 -15.41
N PRO A 267 -8.56 10.72 -15.84
CA PRO A 267 -7.38 11.54 -15.60
C PRO A 267 -7.48 12.92 -16.25
N ASN A 268 -8.20 13.05 -17.36
CA ASN A 268 -8.34 14.37 -18.00
C ASN A 268 -9.02 15.37 -17.07
N THR A 269 -9.94 14.87 -16.27
CA THR A 269 -10.62 15.71 -15.28
C THR A 269 -9.59 16.24 -14.29
N LEU A 270 -8.66 15.39 -13.89
CA LEU A 270 -7.63 15.83 -12.97
C LEU A 270 -6.68 16.81 -13.66
N MET A 271 -6.29 16.47 -14.88
CA MET A 271 -5.35 17.30 -15.62
C MET A 271 -5.93 18.68 -15.91
N THR A 272 -7.24 18.71 -16.16
CA THR A 272 -7.97 19.96 -16.33
C THR A 272 -7.84 20.85 -15.08
N HIS A 273 -7.82 20.21 -13.92
CA HIS A 273 -7.72 20.93 -12.66
C HIS A 273 -6.29 21.05 -12.16
N GLU A 274 -5.34 20.99 -13.10
CA GLU A 274 -3.91 21.20 -12.83
C GLU A 274 -3.25 20.15 -11.92
N VAL A 275 -3.83 18.96 -11.85
CA VAL A 275 -3.16 17.83 -11.23
C VAL A 275 -2.34 17.09 -12.28
N PRO A 276 -1.02 17.06 -12.11
CA PRO A 276 -0.14 16.27 -13.01
C PRO A 276 -0.47 14.79 -12.98
N VAL A 277 -0.69 14.20 -14.15
CA VAL A 277 -0.97 12.77 -14.26
C VAL A 277 -0.05 12.15 -15.31
N TYR A 278 0.43 10.94 -15.06
CA TYR A 278 1.20 10.18 -16.04
C TYR A 278 0.56 8.83 -16.27
N ARG A 279 0.90 8.19 -17.39
CA ARG A 279 0.33 6.88 -17.72
C ARG A 279 1.42 5.90 -18.12
N THR A 280 1.08 4.63 -18.09
CA THR A 280 1.89 3.63 -18.77
C THR A 280 1.01 2.43 -19.10
N ASN A 281 1.44 1.65 -20.10
CA ASN A 281 0.95 0.29 -20.28
C ASN A 281 2.00 -0.67 -19.75
N GLN A 282 1.64 -1.46 -18.76
CA GLN A 282 2.57 -2.42 -18.20
C GLN A 282 2.37 -3.74 -18.91
N CYS A 283 3.42 -4.26 -19.52
CA CYS A 283 3.33 -5.54 -20.21
C CYS A 283 3.91 -6.68 -19.37
N ALA A 284 3.56 -7.91 -19.74
CA ALA A 284 4.05 -9.08 -19.04
C ALA A 284 5.58 -9.02 -18.91
N GLY A 285 6.10 -9.31 -17.72
CA GLY A 285 7.53 -9.26 -17.46
C GLY A 285 8.02 -7.90 -17.03
N GLU A 286 7.11 -6.94 -16.83
CA GLU A 286 7.53 -5.60 -16.41
C GLU A 286 7.04 -5.27 -15.01
N PHE A 287 7.81 -4.43 -14.31
CA PHE A 287 7.42 -3.95 -12.99
C PHE A 287 6.89 -2.54 -13.08
N VAL A 288 5.88 -2.24 -12.25
CA VAL A 288 5.54 -0.86 -11.95
C VAL A 288 5.78 -0.59 -10.45
N ILE A 289 6.41 0.54 -10.16
CA ILE A 289 6.65 0.93 -8.80
C ILE A 289 5.87 2.21 -8.48
N THR A 290 5.10 2.20 -7.38
CA THR A 290 4.45 3.42 -6.92
C THR A 290 5.16 3.97 -5.69
N PHE A 291 5.33 5.28 -5.68
CA PHE A 291 6.09 5.96 -4.65
C PHE A 291 5.18 6.46 -3.53
N PRO A 292 5.76 6.83 -2.37
CA PRO A 292 4.93 7.26 -1.23
C PRO A 292 3.92 8.36 -1.56
N ARG A 293 2.67 8.09 -1.18
CA ARG A 293 1.56 9.01 -1.34
C ARG A 293 1.28 9.35 -2.81
N ALA A 294 1.72 8.49 -3.72
CA ALA A 294 1.42 8.64 -5.13
C ALA A 294 0.10 7.98 -5.48
N TYR A 295 -0.92 8.78 -5.81
CA TYR A 295 -2.21 8.24 -6.22
C TYR A 295 -2.06 7.44 -7.51
N HIS A 296 -2.80 6.36 -7.65
CA HIS A 296 -2.77 5.62 -8.91
C HIS A 296 -4.08 4.90 -9.12
N SER A 297 -4.39 4.64 -10.38
CA SER A 297 -5.57 3.89 -10.77
C SER A 297 -5.29 3.23 -12.11
N GLY A 298 -6.19 2.37 -12.57
CA GLY A 298 -6.00 1.82 -13.89
C GLY A 298 -6.98 0.73 -14.22
N PHE A 299 -6.72 0.02 -15.31
CA PHE A 299 -7.61 -1.05 -15.72
C PHE A 299 -6.81 -2.05 -16.54
N ASN A 300 -7.34 -3.25 -16.68
CA ASN A 300 -6.67 -4.26 -17.48
C ASN A 300 -7.17 -4.29 -18.92
N GLN A 301 -6.24 -4.44 -19.84
CA GLN A 301 -6.52 -4.58 -21.26
C GLN A 301 -7.20 -5.89 -21.59
N GLY A 302 -7.02 -6.89 -20.74
CA GLY A 302 -7.63 -8.19 -20.97
C GLY A 302 -7.20 -9.18 -19.92
N PHE A 303 -7.24 -10.46 -20.26
CA PHE A 303 -6.94 -11.53 -19.32
C PHE A 303 -5.47 -11.45 -18.90
N ASN A 304 -5.22 -11.36 -17.59
CA ASN A 304 -3.84 -11.27 -17.12
C ASN A 304 -3.69 -11.65 -15.64
N PHE A 305 -2.45 -11.69 -15.16
CA PHE A 305 -2.14 -12.14 -13.80
C PHE A 305 -0.98 -11.35 -13.24
N ALA A 306 -1.26 -10.61 -12.19
CA ALA A 306 -0.28 -9.72 -11.61
C ALA A 306 -0.12 -10.06 -10.14
N GLU A 307 0.94 -9.55 -9.55
CA GLU A 307 1.30 -9.82 -8.17
C GLU A 307 1.95 -8.55 -7.65
N ALA A 308 1.58 -8.11 -6.45
CA ALA A 308 2.09 -6.84 -5.93
C ALA A 308 2.30 -6.90 -4.42
N VAL A 309 3.20 -6.06 -3.92
CA VAL A 309 3.45 -6.05 -2.50
C VAL A 309 3.80 -4.63 -2.06
N ASN A 310 3.37 -4.26 -0.86
CA ASN A 310 3.85 -3.02 -0.23
C ASN A 310 5.26 -3.16 0.26
N PHE A 311 5.98 -2.04 0.34
CA PHE A 311 7.23 -2.04 1.06
C PHE A 311 7.63 -0.63 1.49
N CYS A 312 8.54 -0.59 2.45
CA CYS A 312 8.98 0.63 3.09
C CYS A 312 10.48 0.65 3.22
N THR A 313 11.11 1.60 2.55
CA THR A 313 12.53 1.82 2.67
C THR A 313 12.80 2.82 3.78
N VAL A 314 14.07 3.12 4.03
CA VAL A 314 14.44 4.09 5.06
C VAL A 314 14.06 5.51 4.62
N ASP A 315 14.06 5.75 3.32
CA ASP A 315 13.57 7.00 2.76
C ASP A 315 12.14 7.30 3.24
N TRP A 316 11.36 6.25 3.42
CA TRP A 316 9.96 6.39 3.73
C TRP A 316 9.69 6.76 5.19
N LEU A 317 10.60 6.42 6.10
CA LEU A 317 10.35 6.55 7.53
C LEU A 317 9.72 7.88 7.95
N PRO A 318 10.33 9.03 7.57
CA PRO A 318 9.69 10.29 7.98
C PRO A 318 8.27 10.45 7.41
N LEU A 319 8.06 10.04 6.17
CA LEU A 319 6.73 10.07 5.55
C LEU A 319 5.74 9.21 6.31
N GLY A 320 6.23 8.07 6.78
CA GLY A 320 5.41 7.18 7.60
C GLY A 320 4.91 7.84 8.88
N ARG A 321 5.77 8.61 9.54
CA ARG A 321 5.36 9.39 10.72
C ARG A 321 4.33 10.48 10.32
N GLN A 322 4.63 11.21 9.25
N GLN A 322 4.63 11.22 9.25
CA GLN A 322 3.73 12.25 8.77
CA GLN A 322 3.71 12.26 8.78
C GLN A 322 2.37 11.67 8.38
C GLN A 322 2.35 11.64 8.44
N CYS A 323 2.37 10.45 7.83
CA CYS A 323 1.12 9.80 7.45
C CYS A 323 0.25 9.50 8.66
N VAL A 324 0.85 8.99 9.74
CA VAL A 324 0.07 8.64 10.92
C VAL A 324 -0.50 9.90 11.63
N GLU A 325 0.26 10.99 11.60
CA GLU A 325 -0.26 12.29 11.97
C GLU A 325 -1.48 12.65 11.12
N HIS A 326 -1.34 12.50 9.81
CA HIS A 326 -2.43 12.76 8.88
C HIS A 326 -3.65 11.87 9.15
N TYR A 327 -3.43 10.59 9.50
CA TYR A 327 -4.55 9.71 9.85
C TYR A 327 -5.28 10.21 11.09
N ARG A 328 -4.52 10.79 12.02
CA ARG A 328 -5.09 11.26 13.28
C ARG A 328 -6.03 12.45 13.02
N LEU A 329 -5.55 13.44 12.27
CA LEU A 329 -6.39 14.58 11.86
C LEU A 329 -7.68 14.13 11.19
N LEU A 330 -7.61 13.08 10.38
CA LEU A 330 -8.76 12.52 9.69
C LEU A 330 -9.57 11.51 10.48
N HIS A 331 -9.10 11.13 11.67
CA HIS A 331 -9.73 10.02 12.41
C HIS A 331 -9.76 8.73 11.57
N ARG A 332 -8.68 8.46 10.84
CA ARG A 332 -8.56 7.23 10.06
C ARG A 332 -7.84 6.14 10.88
N TYR A 333 -8.33 4.91 10.81
CA TYR A 333 -7.64 3.80 11.46
C TYR A 333 -6.26 3.54 10.84
N CYS A 334 -5.32 3.11 11.68
CA CYS A 334 -3.97 2.74 11.24
C CYS A 334 -3.92 1.24 11.02
N VAL A 335 -3.02 0.79 10.16
CA VAL A 335 -2.82 -0.64 9.97
C VAL A 335 -1.92 -1.18 11.07
N PHE A 336 -0.91 -0.40 11.45
CA PHE A 336 -0.02 -0.74 12.54
C PHE A 336 0.42 0.53 13.27
N SER A 337 1.09 0.37 14.41
CA SER A 337 1.67 1.51 15.11
C SER A 337 3.06 1.81 14.56
N HIS A 338 3.25 3.04 14.07
CA HIS A 338 4.54 3.45 13.54
C HIS A 338 5.59 3.48 14.67
N ASP A 339 5.22 4.06 15.81
CA ASP A 339 6.12 4.12 16.96
C ASP A 339 6.49 2.71 17.44
N GLU A 340 5.52 1.80 17.43
CA GLU A 340 5.80 0.44 17.87
C GLU A 340 6.87 -0.19 16.95
N MET A 341 6.74 0.05 15.66
CA MET A 341 7.69 -0.45 14.69
C MET A 341 9.10 0.13 14.94
N ILE A 342 9.17 1.44 15.13
CA ILE A 342 10.42 2.13 15.48
C ILE A 342 11.08 1.53 16.72
N CYS A 343 10.31 1.32 17.80
CA CYS A 343 10.91 0.82 19.03
C CYS A 343 11.35 -0.63 18.90
N LYS A 344 10.62 -1.41 18.13
CA LYS A 344 10.97 -2.81 17.89
C LYS A 344 12.31 -2.86 17.19
N MET A 345 12.50 -1.96 16.22
CA MET A 345 13.79 -1.88 15.53
C MET A 345 14.92 -1.43 16.47
N ALA A 346 14.61 -0.47 17.33
CA ALA A 346 15.59 0.01 18.31
C ALA A 346 16.00 -1.14 19.22
N SER A 347 15.05 -1.98 19.59
CA SER A 347 15.35 -3.08 20.49
C SER A 347 16.16 -4.15 19.79
N LYS A 348 16.32 -4.03 18.47
CA LYS A 348 17.07 -5.01 17.68
C LYS A 348 18.24 -4.31 16.99
N ALA A 349 18.73 -3.23 17.61
CA ALA A 349 19.68 -2.34 16.95
C ALA A 349 20.94 -3.09 16.53
N ASP A 350 21.35 -4.10 17.32
CA ASP A 350 22.59 -4.82 17.07
C ASP A 350 22.57 -5.59 15.74
N VAL A 351 21.43 -6.14 15.35
CA VAL A 351 21.35 -6.90 14.11
C VAL A 351 20.82 -6.08 12.93
N LEU A 352 20.66 -4.78 13.13
CA LEU A 352 20.13 -3.91 12.08
C LEU A 352 21.15 -3.53 11.03
N ASP A 353 20.71 -3.45 9.78
CA ASP A 353 21.50 -2.81 8.75
C ASP A 353 21.92 -1.42 9.24
N VAL A 354 23.15 -1.00 8.97
CA VAL A 354 23.67 0.21 9.59
C VAL A 354 23.08 1.52 9.04
N VAL A 355 22.64 1.53 7.79
CA VAL A 355 22.03 2.73 7.23
C VAL A 355 20.60 2.83 7.77
N VAL A 356 20.00 1.67 7.98
CA VAL A 356 18.69 1.57 8.60
C VAL A 356 18.76 2.14 10.01
N ALA A 357 19.73 1.66 10.79
CA ALA A 357 19.92 2.14 12.17
C ALA A 357 20.04 3.65 12.22
N SER A 358 20.80 4.21 11.29
CA SER A 358 20.99 5.65 11.26
C SER A 358 19.67 6.39 11.03
N THR A 359 18.87 5.88 10.09
CA THR A 359 17.60 6.52 9.77
C THR A 359 16.57 6.35 10.90
N VAL A 360 16.51 5.16 11.49
CA VAL A 360 15.61 4.92 12.61
C VAL A 360 15.95 5.84 13.77
N GLN A 361 17.25 5.97 14.04
CA GLN A 361 17.73 6.86 15.08
C GLN A 361 17.13 8.27 14.94
N LYS A 362 17.13 8.81 13.73
CA LYS A 362 16.61 10.16 13.49
C LYS A 362 15.10 10.26 13.73
N ASP A 363 14.35 9.27 13.27
CA ASP A 363 12.91 9.24 13.51
C ASP A 363 12.65 9.08 15.00
N MET A 364 13.46 8.25 15.66
CA MET A 364 13.28 8.00 17.07
C MET A 364 13.48 9.29 17.87
N ALA A 365 14.46 10.10 17.48
CA ALA A 365 14.72 11.36 18.17
C ALA A 365 13.52 12.28 18.11
N ILE A 366 12.91 12.39 16.94
CA ILE A 366 11.69 13.17 16.79
C ILE A 366 10.58 12.60 17.67
N MET A 367 10.47 11.28 17.67
CA MET A 367 9.42 10.60 18.41
C MET A 367 9.55 10.97 19.88
N ILE A 368 10.77 10.94 20.38
CA ILE A 368 10.98 11.15 21.81
C ILE A 368 10.68 12.61 22.20
N GLU A 369 11.17 13.55 21.41
CA GLU A 369 10.86 14.96 21.66
C GLU A 369 9.35 15.22 21.62
N ASP A 370 8.65 14.72 20.61
CA ASP A 370 7.21 14.89 20.58
C ASP A 370 6.56 14.29 21.84
N GLU A 371 7.04 13.12 22.26
CA GLU A 371 6.43 12.42 23.38
C GLU A 371 6.66 13.20 24.67
N LYS A 372 7.88 13.69 24.85
CA LYS A 372 8.24 14.53 25.98
C LYS A 372 7.27 15.72 26.11
N ALA A 373 7.07 16.43 25.01
CA ALA A 373 6.17 17.57 25.01
C ALA A 373 4.74 17.17 25.34
N LEU A 374 4.28 16.06 24.76
CA LEU A 374 2.90 15.60 24.99
C LEU A 374 2.68 15.22 26.46
N ARG A 375 3.68 14.61 27.08
CA ARG A 375 3.54 14.19 28.46
C ARG A 375 3.50 15.42 29.37
N GLU A 376 4.31 16.43 29.04
CA GLU A 376 4.30 17.65 29.83
C GLU A 376 2.94 18.33 29.78
N THR A 377 2.37 18.38 28.59
CA THR A 377 1.05 18.96 28.40
C THR A 377 -0.02 18.23 29.22
N VAL A 378 -0.07 16.89 29.19
CA VAL A 378 -1.11 16.22 29.96
C VAL A 378 -0.87 16.27 31.49
N ARG A 379 0.39 16.37 31.92
CA ARG A 379 0.68 16.61 33.34
C ARG A 379 0.09 17.98 33.78
N LYS A 380 0.23 19.00 32.94
CA LYS A 380 -0.32 20.33 33.23
C LYS A 380 -1.84 20.34 33.17
N LEU A 381 -2.44 19.31 32.60
CA LEU A 381 -3.89 19.20 32.62
C LEU A 381 -4.35 18.47 33.87
N GLY A 382 -3.39 18.05 34.69
CA GLY A 382 -3.70 17.51 36.00
C GLY A 382 -3.71 15.98 36.07
N VAL A 383 -3.16 15.33 35.04
CA VAL A 383 -3.03 13.87 35.04
C VAL A 383 -1.77 13.56 35.80
N ILE A 384 -1.90 12.90 36.94
CA ILE A 384 -0.74 12.72 37.81
C ILE A 384 -0.32 11.27 37.92
N ASP A 385 -1.31 10.43 38.16
CA ASP A 385 -1.06 9.02 38.31
C ASP A 385 -0.58 8.43 36.95
N SER A 386 0.25 7.41 37.01
CA SER A 386 0.72 6.76 35.79
C SER A 386 1.07 5.31 36.08
N GLU A 387 1.10 4.48 35.03
CA GLU A 387 1.55 3.09 35.16
C GLU A 387 2.07 2.60 33.81
N ARG A 388 3.14 1.81 33.83
CA ARG A 388 3.65 1.25 32.59
C ARG A 388 2.60 0.31 32.00
N MET A 389 2.53 0.28 30.68
CA MET A 389 1.58 -0.59 30.02
C MET A 389 2.21 -1.13 28.74
N ASP A 390 2.20 -2.45 28.59
CA ASP A 390 2.70 -3.11 27.38
C ASP A 390 1.66 -3.10 26.27
N PHE A 391 1.54 -1.96 25.59
CA PHE A 391 0.53 -1.79 24.56
C PHE A 391 0.60 -2.86 23.47
N GLU A 392 1.79 -3.39 23.20
CA GLU A 392 1.93 -4.28 22.04
C GLU A 392 1.20 -5.60 22.27
N LEU A 393 0.85 -5.91 23.52
CA LEU A 393 0.08 -7.12 23.86
C LEU A 393 -1.43 -6.96 23.59
N LEU A 394 -1.88 -5.72 23.53
CA LEU A 394 -3.30 -5.46 23.24
C LEU A 394 -3.61 -5.65 21.77
N PRO A 395 -4.72 -6.37 21.48
CA PRO A 395 -5.26 -6.35 20.11
C PRO A 395 -5.47 -4.90 19.68
N ASP A 396 -5.24 -4.59 18.41
CA ASP A 396 -5.33 -3.21 17.90
C ASP A 396 -6.64 -2.52 18.27
N ASP A 397 -7.77 -3.22 18.10
CA ASP A 397 -9.05 -2.57 18.36
C ASP A 397 -9.30 -2.43 19.86
N GLU A 398 -8.34 -2.84 20.68
CA GLU A 398 -8.43 -2.58 22.11
C GLU A 398 -7.48 -1.45 22.55
N ARG A 399 -6.82 -0.79 21.61
CA ARG A 399 -5.92 0.31 21.97
C ARG A 399 -5.97 1.48 20.97
N GLN A 400 -7.15 1.73 20.45
CA GLN A 400 -7.36 2.88 19.56
C GLN A 400 -7.92 4.06 20.35
N CYS A 401 -7.40 5.25 20.06
CA CYS A 401 -7.94 6.49 20.62
C CYS A 401 -9.43 6.61 20.29
N VAL A 402 -10.25 6.68 21.34
CA VAL A 402 -11.70 6.80 21.20
C VAL A 402 -12.08 7.93 20.25
N LYS A 403 -11.30 8.99 20.24
CA LYS A 403 -11.56 10.14 19.38
C LYS A 403 -11.00 10.00 17.95
N CYS A 404 -9.70 9.79 17.81
CA CYS A 404 -9.09 9.89 16.49
C CYS A 404 -8.72 8.53 15.90
N LYS A 405 -9.01 7.48 16.66
CA LYS A 405 -8.82 6.08 16.24
C LYS A 405 -7.34 5.68 16.03
N THR A 406 -6.41 6.50 16.45
CA THR A 406 -5.01 6.16 16.27
C THR A 406 -4.65 4.98 17.16
N THR A 407 -3.76 4.13 16.67
CA THR A 407 -3.32 2.97 17.45
C THR A 407 -2.30 3.44 18.47
N CYS A 408 -2.64 3.33 19.75
CA CYS A 408 -1.73 3.81 20.80
C CYS A 408 -0.54 2.85 21.01
N PHE A 409 0.62 3.42 21.36
CA PHE A 409 1.75 2.59 21.78
C PHE A 409 2.67 3.30 22.77
N MET A 410 3.13 4.50 22.43
CA MET A 410 4.02 5.22 23.34
C MET A 410 3.29 5.49 24.65
N SER A 411 2.04 5.92 24.56
CA SER A 411 1.23 6.29 25.72
C SER A 411 -0.24 6.54 25.39
N ALA A 412 -1.05 6.55 26.44
CA ALA A 412 -2.47 6.78 26.34
C ALA A 412 -2.99 7.21 27.69
N ILE A 413 -4.20 7.75 27.70
CA ILE A 413 -4.86 8.11 28.95
C ILE A 413 -6.05 7.20 29.17
N SER A 414 -6.17 6.65 30.38
CA SER A 414 -7.34 5.86 30.74
C SER A 414 -8.04 6.52 31.93
N CYS A 415 -9.24 6.05 32.21
CA CYS A 415 -9.96 6.44 33.42
C CYS A 415 -10.80 5.27 33.98
N SER A 416 -10.76 5.11 35.30
CA SER A 416 -11.50 4.06 36.01
C SER A 416 -13.01 4.08 35.69
N CYS A 417 -13.51 5.22 35.23
CA CYS A 417 -14.93 5.39 34.96
C CYS A 417 -15.36 4.90 33.58
N LYS A 418 -14.42 4.92 32.63
CA LYS A 418 -14.66 4.29 31.33
C LYS A 418 -13.71 3.11 31.15
N PRO A 419 -14.00 1.99 31.82
CA PRO A 419 -13.06 0.86 31.80
C PRO A 419 -12.81 0.38 30.39
N GLY A 420 -11.55 0.16 30.03
CA GLY A 420 -11.21 -0.35 28.72
C GLY A 420 -11.06 0.70 27.63
N LEU A 421 -11.50 1.93 27.90
CA LEU A 421 -11.34 3.00 26.91
C LEU A 421 -10.00 3.75 27.02
N LEU A 422 -9.49 4.20 25.88
CA LEU A 422 -8.27 4.98 25.84
C LEU A 422 -8.42 6.20 24.96
N VAL A 423 -7.64 7.23 25.24
CA VAL A 423 -7.43 8.27 24.26
C VAL A 423 -5.94 8.50 24.17
N CYS A 424 -5.46 8.91 23.00
CA CYS A 424 -4.08 9.35 22.84
C CYS A 424 -3.90 10.69 23.58
N LEU A 425 -2.66 11.15 23.65
CA LEU A 425 -2.41 12.31 24.49
C LEU A 425 -2.88 13.61 23.82
N HIS A 426 -3.24 13.56 22.53
CA HIS A 426 -3.84 14.72 21.85
C HIS A 426 -5.29 14.91 22.25
N HIS A 427 -5.86 13.87 22.86
CA HIS A 427 -7.31 13.84 23.07
C HIS A 427 -7.74 13.53 24.51
N VAL A 428 -6.90 13.96 25.44
CA VAL A 428 -7.19 13.87 26.88
C VAL A 428 -8.60 14.37 27.27
N LYS A 429 -9.08 15.43 26.64
CA LYS A 429 -10.41 15.97 26.97
C LYS A 429 -11.58 15.11 26.48
N GLU A 430 -11.29 14.05 25.72
CA GLU A 430 -12.36 13.36 25.00
C GLU A 430 -12.73 12.01 25.59
N LEU A 431 -12.18 11.69 26.75
CA LEU A 431 -12.38 10.37 27.31
C LEU A 431 -13.65 10.26 28.16
N CYS A 432 -13.85 11.24 29.04
CA CYS A 432 -14.98 11.20 29.98
C CYS A 432 -15.11 12.52 30.76
N SER A 433 -16.11 12.61 31.64
CA SER A 433 -16.37 13.86 32.35
C SER A 433 -15.72 13.91 33.74
N CYS A 434 -14.97 12.87 34.10
CA CYS A 434 -14.32 12.85 35.39
C CYS A 434 -13.20 13.87 35.42
N PRO A 435 -12.86 14.36 36.62
CA PRO A 435 -11.74 15.29 36.75
C PRO A 435 -10.42 14.55 36.51
N PRO A 436 -9.52 15.15 35.72
CA PRO A 436 -8.24 14.56 35.31
C PRO A 436 -7.39 13.89 36.42
N TYR A 437 -7.62 14.19 37.69
CA TYR A 437 -6.86 13.45 38.72
C TYR A 437 -7.33 11.99 38.83
N LYS A 438 -8.45 11.67 38.20
CA LYS A 438 -8.90 10.30 38.17
C LYS A 438 -8.29 9.56 36.98
N TYR A 439 -7.58 10.30 36.12
CA TYR A 439 -6.99 9.70 34.92
C TYR A 439 -5.66 9.08 35.25
N LYS A 440 -5.26 8.09 34.45
CA LYS A 440 -3.91 7.55 34.51
C LYS A 440 -3.22 7.73 33.15
N LEU A 441 -1.97 8.14 33.17
CA LEU A 441 -1.13 8.03 31.99
C LEU A 441 -0.61 6.58 31.89
N ARG A 442 -0.98 5.87 30.84
CA ARG A 442 -0.37 4.56 30.54
C ARG A 442 0.73 4.76 29.55
N TYR A 443 1.93 4.29 29.88
CA TYR A 443 3.08 4.53 29.00
C TYR A 443 3.89 3.25 28.77
N ARG A 444 4.44 3.11 27.57
CA ARG A 444 5.25 1.93 27.28
C ARG A 444 6.63 2.06 27.92
N TYR A 445 7.26 3.22 27.74
CA TYR A 445 8.61 3.46 28.22
C TYR A 445 8.71 4.78 28.93
N THR A 446 9.61 4.86 29.91
CA THR A 446 9.97 6.16 30.48
C THR A 446 10.96 6.80 29.53
N LEU A 447 11.12 8.12 29.61
CA LEU A 447 12.19 8.79 28.87
C LEU A 447 13.54 8.18 29.19
N ASP A 448 13.75 7.75 30.43
CA ASP A 448 14.99 7.08 30.81
C ASP A 448 15.18 5.72 30.12
N ASP A 449 14.09 5.05 29.74
CA ASP A 449 14.21 3.83 28.94
C ASP A 449 14.55 4.18 27.49
N LEU A 450 14.01 5.29 27.02
CA LEU A 450 14.05 5.57 25.58
C LEU A 450 15.42 6.03 25.09
N TYR A 451 16.09 6.90 25.84
CA TYR A 451 17.39 7.44 25.38
C TYR A 451 18.47 6.35 25.20
N PRO A 452 18.55 5.34 26.10
CA PRO A 452 19.51 4.26 25.81
C PRO A 452 19.19 3.46 24.54
N MET A 453 17.90 3.31 24.23
CA MET A 453 17.49 2.58 23.04
C MET A 453 17.97 3.35 21.82
N MET A 454 17.85 4.67 21.88
CA MET A 454 18.33 5.49 20.77
C MET A 454 19.86 5.42 20.69
N ASN A 455 20.53 5.33 21.83
N ASN A 455 20.51 5.30 21.84
CA ASN A 455 21.99 5.24 21.84
CA ASN A 455 21.96 5.23 21.93
C ASN A 455 22.50 3.96 21.20
C ASN A 455 22.51 3.97 21.26
N ALA A 456 21.79 2.86 21.39
CA ALA A 456 22.19 1.61 20.75
C ALA A 456 22.15 1.79 19.24
N LEU A 457 21.14 2.51 18.75
CA LEU A 457 21.03 2.76 17.32
C LEU A 457 22.21 3.58 16.83
N LYS A 458 22.57 4.63 17.56
CA LYS A 458 23.67 5.50 17.18
C LYS A 458 25.00 4.75 17.10
N LEU A 459 25.29 3.97 18.14
CA LEU A 459 26.47 3.11 18.14
C LEU A 459 26.47 2.18 16.94
N ARG A 460 25.32 1.57 16.65
CA ARG A 460 25.23 0.67 15.52
C ARG A 460 25.51 1.40 14.20
N ALA A 461 25.04 2.65 14.10
CA ALA A 461 25.27 3.44 12.90
C ALA A 461 26.69 4.00 12.85
N GLU A 462 27.34 4.04 14.02
CA GLU A 462 28.75 4.46 14.20
C GLU A 462 28.95 5.92 13.79
#